data_2CJ2
#
_entry.id   2CJ2
#
_cell.length_a   57.940
_cell.length_b   150.600
_cell.length_c   100.310
_cell.angle_alpha   90.00
_cell.angle_beta   90.00
_cell.angle_gamma   90.00
#
_symmetry.space_group_name_H-M   'C 2 2 21'
#
loop_
_entity.id
_entity.type
_entity.pdbx_description
1 polymer CHLOROPEROXIDASE
2 branched beta-D-mannopyranose-(1-4)-2-acetamido-2-deoxy-beta-D-glucopyranose-(1-4)-2-acetamido-2-deoxy-beta-D-glucopyranose
3 branched 2-acetamido-2-deoxy-beta-D-glucopyranose-(1-4)-2-acetamido-2-deoxy-beta-D-glucopyranose
4 branched alpha-D-mannopyranose-(1-2)-alpha-D-mannopyranose
5 non-polymer 'MANGANESE (II) ION'
6 non-polymer 'PROTOPORPHYRIN IX CONTAINING FE'
7 non-polymer 2-acetamido-2-deoxy-beta-D-glucopyranose
8 non-polymer alpha-D-mannopyranose
9 non-polymer 'FORMIC ACID'
10 water water
#
_entity_poly.entity_id   1
_entity_poly.type   'polypeptide(L)'
_entity_poly.pdbx_seq_one_letter_code
;(PCA)EPGSGIGYPYDNNTLPYVAPGPTDSRAPCPALNALANHGYIPHDGRAISRETLQNAFLNHMGIANSVIELALTNA
FVVCEYVTGSDCGDSLVNLTLLAEPHAFEHDHSFSRKDYKQGVANSNDFIDNRNFDAETFQTSLDVVAGKTHFDYADMNE
IRLQRESLSNELDFPGWFTESKPIQNVESGFIFALVSDFNLPDNDENPLVRIDWWKYWFTNESFPYHLGWHPPSPAREIE
FVTSASSAVLAASVTSTPSSLPSGAIGPGAEAVPLSFASTMTPFLLATNAPYYAQDPTLGPND
;
_entity_poly.pdbx_strand_id   A
#
loop_
_chem_comp.id
_chem_comp.type
_chem_comp.name
_chem_comp.formula
BMA D-saccharide, beta linking beta-D-mannopyranose 'C6 H12 O6'
FMT non-polymer 'FORMIC ACID' 'C H2 O2'
HEM non-polymer 'PROTOPORPHYRIN IX CONTAINING FE' 'C34 H32 Fe N4 O4'
MAN D-saccharide, alpha linking alpha-D-mannopyranose 'C6 H12 O6'
MN non-polymer 'MANGANESE (II) ION' 'Mn 2'
NAG D-saccharide, beta linking 2-acetamido-2-deoxy-beta-D-glucopyranose 'C8 H15 N O6'
#
# COMPACT_ATOMS: atom_id res chain seq x y z
N PCA A 1 16.93 6.22 -8.96
CA PCA A 1 18.37 6.48 -8.83
CB PCA A 1 19.09 5.15 -9.04
CG PCA A 1 18.09 4.06 -8.63
CD PCA A 1 16.78 4.81 -8.68
OE PCA A 1 15.67 4.26 -8.50
C PCA A 1 18.77 7.59 -9.81
O PCA A 1 18.01 7.92 -10.74
N GLU A 2 19.97 8.14 -9.61
N GLU A 2 19.94 8.20 -9.59
CA GLU A 2 20.52 9.12 -10.54
CA GLU A 2 20.41 9.23 -10.51
C GLU A 2 20.44 8.56 -11.96
C GLU A 2 20.49 8.63 -11.92
N PRO A 3 19.99 9.37 -12.94
CA PRO A 3 19.82 8.78 -14.29
C PRO A 3 21.09 8.14 -14.86
N GLY A 4 22.25 8.72 -14.58
CA GLY A 4 23.50 8.16 -15.11
C GLY A 4 23.96 6.87 -14.42
N SER A 5 23.37 6.56 -13.27
CA SER A 5 23.80 5.40 -12.49
C SER A 5 23.58 4.07 -13.21
N GLY A 6 22.58 4.02 -14.08
CA GLY A 6 22.24 2.78 -14.78
C GLY A 6 21.60 1.72 -13.89
N ILE A 7 21.31 2.06 -12.64
CA ILE A 7 20.76 1.11 -11.67
C ILE A 7 19.45 0.45 -12.17
N GLY A 8 18.59 1.21 -12.82
CA GLY A 8 17.36 0.60 -13.39
C GLY A 8 17.49 -0.16 -14.70
N TYR A 9 18.64 -0.04 -15.37
CA TYR A 9 18.85 -0.60 -16.71
C TYR A 9 18.88 -2.13 -16.71
N PRO A 10 18.30 -2.79 -17.73
CA PRO A 10 17.57 -2.29 -18.89
C PRO A 10 16.05 -2.24 -18.69
N TYR A 11 15.61 -2.27 -17.44
CA TYR A 11 14.18 -2.30 -17.12
C TYR A 11 13.54 -0.94 -17.02
N ASP A 12 14.30 -0.01 -16.46
CA ASP A 12 13.90 1.39 -16.38
C ASP A 12 15.11 2.17 -16.85
N ASN A 13 15.01 2.76 -18.03
CA ASN A 13 16.09 3.51 -18.67
C ASN A 13 16.10 5.01 -18.38
N ASN A 14 15.24 5.47 -17.47
CA ASN A 14 15.08 6.91 -17.21
C ASN A 14 14.73 7.12 -15.75
N THR A 15 15.65 6.76 -14.86
CA THR A 15 15.38 6.87 -13.44
C THR A 15 15.66 8.28 -12.92
N LEU A 16 15.04 8.58 -11.79
CA LEU A 16 15.29 9.83 -11.08
C LEU A 16 15.65 9.47 -9.65
N PRO A 17 16.47 10.30 -9.01
CA PRO A 17 16.94 9.93 -7.67
C PRO A 17 15.87 10.05 -6.59
N TYR A 18 16.08 9.31 -5.52
CA TYR A 18 15.30 9.44 -4.30
C TYR A 18 15.59 10.81 -3.66
N VAL A 19 14.52 11.51 -3.30
CA VAL A 19 14.60 12.74 -2.49
C VAL A 19 13.60 12.61 -1.35
N ALA A 20 14.05 12.75 -0.11
CA ALA A 20 13.15 12.63 1.04
C ALA A 20 12.06 13.70 1.01
N PRO A 21 10.83 13.33 1.43
CA PRO A 21 9.80 14.36 1.51
C PRO A 21 10.13 15.35 2.63
N GLY A 22 9.86 16.62 2.37
CA GLY A 22 9.98 17.68 3.38
C GLY A 22 8.68 17.88 4.16
N PRO A 23 8.73 18.68 5.24
CA PRO A 23 7.57 18.80 6.14
C PRO A 23 6.29 19.30 5.46
N THR A 24 6.41 20.03 4.35
CA THR A 24 5.22 20.55 3.66
C THR A 24 4.74 19.67 2.50
N ASP A 25 5.54 18.66 2.14
CA ASP A 25 5.14 17.72 1.09
C ASP A 25 3.98 16.81 1.54
N SER A 26 3.09 16.48 0.61
CA SER A 26 1.98 15.57 0.83
C SER A 26 2.39 14.14 0.49
N ARG A 27 2.17 13.22 1.44
CA ARG A 27 2.35 11.78 1.22
C ARG A 27 1.07 11.02 1.55
N ALA A 28 1.03 9.78 1.06
CA ALA A 28 -0.15 8.94 1.08
C ALA A 28 -0.03 7.86 2.15
N PRO A 29 -1.11 7.10 2.38
CA PRO A 29 -1.03 5.88 3.17
C PRO A 29 -0.56 4.67 2.34
N CYS A 30 -0.15 4.95 1.09
CA CYS A 30 0.30 3.95 0.13
C CYS A 30 1.82 3.96 -0.07
N PRO A 31 2.47 2.82 0.19
CA PRO A 31 3.94 2.74 0.02
C PRO A 31 4.35 2.87 -1.45
N ALA A 32 3.46 2.49 -2.37
CA ALA A 32 3.78 2.65 -3.81
C ALA A 32 3.75 4.13 -4.24
N LEU A 33 2.64 4.81 -3.94
CA LEU A 33 2.54 6.23 -4.31
C LEU A 33 3.67 7.03 -3.66
N ASN A 34 3.99 6.68 -2.41
CA ASN A 34 5.05 7.43 -1.71
C ASN A 34 6.41 7.24 -2.37
N ALA A 35 6.71 5.99 -2.75
CA ALA A 35 7.96 5.75 -3.49
C ALA A 35 8.00 6.53 -4.80
N LEU A 36 6.88 6.53 -5.54
CA LEU A 36 6.83 7.28 -6.81
C LEU A 36 7.05 8.77 -6.59
N ALA A 37 6.41 9.31 -5.56
CA ALA A 37 6.55 10.73 -5.26
C ALA A 37 7.97 11.08 -4.78
N ASN A 38 8.56 10.20 -3.96
CA ASN A 38 9.94 10.41 -3.51
C ASN A 38 10.94 10.48 -4.67
N HIS A 39 10.60 9.86 -5.80
CA HIS A 39 11.44 9.89 -6.99
C HIS A 39 11.01 10.96 -8.01
N GLY A 40 9.91 11.65 -7.73
CA GLY A 40 9.39 12.66 -8.65
C GLY A 40 8.75 12.09 -9.90
N TYR A 41 8.42 10.80 -9.87
CA TYR A 41 7.70 10.17 -10.98
C TYR A 41 6.24 10.63 -11.00
N ILE A 42 5.72 10.91 -9.82
CA ILE A 42 4.57 11.79 -9.61
C ILE A 42 5.13 12.97 -8.78
N PRO A 43 4.42 14.12 -8.76
CA PRO A 43 5.01 15.30 -8.12
C PRO A 43 5.63 15.03 -6.75
N HIS A 44 6.88 15.47 -6.55
N HIS A 44 6.88 15.47 -6.60
CA HIS A 44 7.52 15.29 -5.25
CA HIS A 44 7.59 15.43 -5.32
C HIS A 44 6.73 15.93 -4.11
C HIS A 44 6.75 15.95 -4.14
N ASP A 45 5.97 17.00 -4.39
CA ASP A 45 5.14 17.61 -3.35
C ASP A 45 3.83 16.86 -3.07
N GLY A 46 3.57 15.84 -3.87
CA GLY A 46 2.37 15.01 -3.71
C GLY A 46 1.07 15.72 -3.98
N ARG A 47 1.10 16.74 -4.85
CA ARG A 47 -0.10 17.54 -5.16
C ARG A 47 -0.40 17.59 -6.65
N ALA A 48 -1.69 17.73 -6.95
CA ALA A 48 -2.18 18.05 -8.29
C ALA A 48 -1.74 16.99 -9.32
N ILE A 49 -2.21 15.78 -9.08
CA ILE A 49 -1.74 14.63 -9.85
C ILE A 49 -2.80 14.09 -10.79
N SER A 50 -2.46 14.01 -12.09
CA SER A 50 -3.43 13.51 -13.09
C SER A 50 -3.39 11.99 -13.20
N ARG A 51 -4.46 11.42 -13.75
CA ARG A 51 -4.49 9.97 -13.98
C ARG A 51 -3.31 9.51 -14.85
N GLU A 52 -3.04 10.25 -15.94
CA GLU A 52 -2.00 9.83 -16.87
C GLU A 52 -0.63 9.86 -16.17
N THR A 53 -0.42 10.85 -15.29
CA THR A 53 0.83 10.92 -14.55
C THR A 53 1.02 9.66 -13.72
N LEU A 54 -0.04 9.27 -13.02
CA LEU A 54 -0.01 8.01 -12.24
C LEU A 54 0.20 6.78 -13.14
N GLN A 55 -0.59 6.70 -14.21
CA GLN A 55 -0.44 5.56 -15.13
C GLN A 55 0.99 5.39 -15.66
N ASN A 56 1.57 6.49 -16.15
CA ASN A 56 2.93 6.43 -16.69
C ASN A 56 3.96 6.09 -15.62
N ALA A 57 3.81 6.66 -14.43
CA ALA A 57 4.73 6.43 -13.34
C ALA A 57 4.76 4.93 -12.98
N PHE A 58 3.57 4.37 -12.81
CA PHE A 58 3.47 2.94 -12.45
C PHE A 58 4.02 2.02 -13.56
N LEU A 59 3.63 2.31 -14.79
CA LEU A 59 4.05 1.49 -15.91
C LEU A 59 5.55 1.56 -16.17
N ASN A 60 6.08 2.78 -16.25
CA ASN A 60 7.48 2.95 -16.65
C ASN A 60 8.51 2.78 -15.56
N HIS A 61 8.08 2.93 -14.31
CA HIS A 61 9.03 2.89 -13.21
C HIS A 61 8.79 1.78 -12.19
N MET A 62 7.64 1.11 -12.26
CA MET A 62 7.38 0.02 -11.33
C MET A 62 6.92 -1.27 -11.98
N GLY A 63 6.79 -1.28 -13.31
CA GLY A 63 6.35 -2.51 -13.98
C GLY A 63 4.94 -2.91 -13.61
N ILE A 64 4.07 -1.92 -13.40
CA ILE A 64 2.67 -2.13 -13.08
C ILE A 64 1.84 -1.52 -14.20
N ALA A 65 1.11 -2.38 -14.91
CA ALA A 65 0.33 -1.95 -16.07
C ALA A 65 -0.90 -1.14 -15.67
N ASN A 66 -1.46 -0.42 -16.65
CA ASN A 66 -2.62 0.44 -16.38
C ASN A 66 -3.78 -0.33 -15.76
N SER A 67 -4.00 -1.57 -16.23
CA SER A 67 -5.13 -2.38 -15.74
C SER A 67 -5.13 -2.53 -14.21
N VAL A 68 -3.94 -2.58 -13.63
CA VAL A 68 -3.77 -2.85 -12.21
C VAL A 68 -4.33 -1.70 -11.35
N ILE A 69 -4.26 -0.48 -11.88
CA ILE A 69 -4.65 0.71 -11.11
C ILE A 69 -5.96 1.36 -11.57
N GLU A 70 -6.68 0.71 -12.48
CA GLU A 70 -7.94 1.27 -12.97
C GLU A 70 -8.90 1.59 -11.82
N LEU A 71 -9.21 0.59 -10.99
CA LEU A 71 -10.16 0.80 -9.89
C LEU A 71 -9.57 1.77 -8.88
N ALA A 72 -8.26 1.63 -8.64
CA ALA A 72 -7.57 2.51 -7.70
C ALA A 72 -7.70 3.98 -8.12
N LEU A 73 -7.59 4.26 -9.41
CA LEU A 73 -7.75 5.65 -9.89
C LEU A 73 -9.19 6.10 -9.64
N THR A 74 -10.16 5.25 -9.99
CA THR A 74 -11.57 5.61 -9.77
C THR A 74 -11.80 5.98 -8.30
N ASN A 75 -11.32 5.12 -7.40
CA ASN A 75 -11.53 5.33 -5.98
C ASN A 75 -10.75 6.54 -5.42
N ALA A 76 -9.56 6.77 -5.94
CA ALA A 76 -8.78 7.93 -5.54
C ALA A 76 -9.60 9.19 -5.79
N PHE A 77 -10.21 9.28 -6.97
CA PHE A 77 -10.95 10.49 -7.32
C PHE A 77 -12.32 10.59 -6.62
N VAL A 78 -12.94 9.44 -6.33
CA VAL A 78 -14.17 9.42 -5.52
C VAL A 78 -13.84 10.01 -4.13
N VAL A 79 -12.73 9.54 -3.55
CA VAL A 79 -12.30 10.03 -2.24
C VAL A 79 -11.91 11.51 -2.25
N CYS A 80 -11.26 11.94 -3.32
CA CYS A 80 -10.95 13.34 -3.48
C CYS A 80 -12.23 14.20 -3.44
N GLU A 81 -13.26 13.77 -4.17
CA GLU A 81 -14.50 14.55 -4.19
C GLU A 81 -15.15 14.58 -2.80
N TYR A 82 -15.18 13.42 -2.16
CA TYR A 82 -15.74 13.25 -0.82
C TYR A 82 -15.03 14.13 0.22
N VAL A 83 -13.71 14.06 0.26
CA VAL A 83 -12.93 14.84 1.21
C VAL A 83 -13.00 16.35 0.95
N THR A 84 -12.86 16.76 -0.31
CA THR A 84 -12.75 18.20 -0.63
C THR A 84 -14.10 18.87 -0.81
N GLY A 85 -15.12 18.09 -1.13
CA GLY A 85 -16.47 18.61 -1.30
C GLY A 85 -16.79 19.04 -2.72
N SER A 86 -15.82 18.90 -3.61
CA SER A 86 -16.09 19.20 -5.02
C SER A 86 -15.32 18.23 -5.93
N ASP A 87 -15.82 18.08 -7.15
CA ASP A 87 -15.19 17.20 -8.13
C ASP A 87 -13.73 17.62 -8.35
N CYS A 88 -12.81 16.63 -8.34
CA CYS A 88 -11.40 16.95 -8.47
C CYS A 88 -10.91 16.83 -9.93
N GLY A 89 -11.85 16.60 -10.85
CA GLY A 89 -11.54 16.54 -12.29
C GLY A 89 -10.48 15.50 -12.56
N ASP A 90 -9.40 15.93 -13.19
CA ASP A 90 -8.27 15.05 -13.42
C ASP A 90 -7.00 15.63 -12.79
N SER A 91 -7.18 16.22 -11.60
CA SER A 91 -6.05 16.69 -10.81
C SER A 91 -6.30 16.32 -9.34
N LEU A 92 -5.72 15.21 -8.91
CA LEU A 92 -5.91 14.73 -7.54
C LEU A 92 -5.29 15.76 -6.63
N VAL A 93 -6.10 16.32 -5.72
CA VAL A 93 -5.64 17.52 -4.99
C VAL A 93 -4.33 17.26 -4.22
N ASN A 94 -4.32 16.18 -3.46
CA ASN A 94 -3.05 15.70 -2.89
C ASN A 94 -3.11 14.22 -2.54
N LEU A 95 -1.99 13.66 -2.08
CA LEU A 95 -1.92 12.25 -1.66
C LEU A 95 -2.47 12.01 -0.26
N THR A 96 -2.39 13.06 0.56
CA THR A 96 -2.74 12.94 1.97
C THR A 96 -4.22 12.60 2.17
N LEU A 97 -5.09 13.20 1.36
CA LEU A 97 -6.50 12.93 1.45
C LEU A 97 -6.86 11.46 1.26
N LEU A 98 -5.97 10.68 0.63
CA LEU A 98 -6.24 9.26 0.45
C LEU A 98 -6.26 8.48 1.77
N ALA A 99 -5.81 9.12 2.86
CA ALA A 99 -5.83 8.51 4.18
C ALA A 99 -7.15 8.83 4.90
N GLU A 100 -8.15 9.32 4.16
CA GLU A 100 -9.49 9.45 4.73
C GLU A 100 -9.98 8.06 5.19
N PRO A 101 -10.30 7.90 6.50
CA PRO A 101 -10.63 6.55 7.02
C PRO A 101 -11.98 6.01 6.60
N HIS A 102 -12.12 4.68 6.71
CA HIS A 102 -13.31 3.96 6.31
C HIS A 102 -13.76 4.39 4.91
N ALA A 103 -12.77 4.45 4.02
CA ALA A 103 -13.04 4.85 2.64
C ALA A 103 -12.12 3.98 1.76
N PHE A 104 -11.13 4.59 1.10
CA PHE A 104 -10.13 3.80 0.38
C PHE A 104 -9.14 3.27 1.45
N GLU A 105 -8.64 4.17 2.29
CA GLU A 105 -7.92 3.77 3.51
C GLU A 105 -8.86 2.94 4.38
N HIS A 106 -8.29 1.91 4.98
CA HIS A 106 -9.05 0.93 5.72
C HIS A 106 -8.26 0.46 6.94
N ASP A 107 -9.02 -0.20 7.83
CA ASP A 107 -8.47 -0.75 9.06
C ASP A 107 -7.59 -1.97 8.77
N HIS A 108 -6.93 -2.45 9.81
CA HIS A 108 -6.08 -3.64 9.71
C HIS A 108 -5.06 -3.62 8.56
N SER A 109 -4.43 -2.46 8.35
CA SER A 109 -3.34 -2.34 7.35
C SER A 109 -2.11 -3.19 7.78
N PHE A 110 -1.22 -3.48 6.83
CA PHE A 110 0.00 -4.26 7.16
C PHE A 110 1.04 -3.44 7.91
N SER A 111 1.03 -2.13 7.69
CA SER A 111 2.14 -1.27 8.11
C SER A 111 1.75 0.11 8.66
N ARG A 112 0.45 0.36 8.79
CA ARG A 112 -0.10 1.58 9.36
C ARG A 112 -0.97 1.24 10.54
N LYS A 113 -0.98 2.14 11.52
CA LYS A 113 -1.98 2.01 12.61
C LYS A 113 -3.37 2.39 12.10
N ASP A 114 -4.40 1.98 12.83
CA ASP A 114 -5.78 2.35 12.54
C ASP A 114 -6.11 3.74 13.09
N TYR A 115 -7.06 4.41 12.42
CA TYR A 115 -7.43 5.78 12.75
C TYR A 115 -7.77 5.94 14.24
N LYS A 116 -8.46 4.96 14.80
CA LYS A 116 -8.80 4.99 16.25
C LYS A 116 -8.13 3.84 17.02
N GLN A 117 -6.93 3.46 16.59
CA GLN A 117 -6.22 2.38 17.27
C GLN A 117 -5.69 2.84 18.62
N GLY A 118 -6.10 2.13 19.67
CA GLY A 118 -5.56 2.35 21.01
C GLY A 118 -5.90 3.69 21.64
N VAL A 119 -6.93 4.36 21.12
CA VAL A 119 -7.30 5.66 21.67
C VAL A 119 -8.18 5.47 22.89
N ALA A 120 -7.93 6.29 23.90
CA ALA A 120 -8.66 6.21 25.16
C ALA A 120 -10.06 6.83 25.03
N ASN A 121 -10.19 7.81 24.15
CA ASN A 121 -11.46 8.51 23.99
C ASN A 121 -12.02 8.45 22.58
N SER A 122 -13.35 8.41 22.46
N SER A 122 -13.35 8.41 22.48
CA SER A 122 -14.04 8.14 21.19
CA SER A 122 -14.07 8.17 21.23
C SER A 122 -13.77 9.15 20.06
C SER A 122 -13.73 9.14 20.09
N ASN A 123 -13.55 10.41 20.43
CA ASN A 123 -13.27 11.46 19.45
C ASN A 123 -11.81 11.54 19.00
N ASP A 124 -10.94 10.83 19.72
CA ASP A 124 -9.52 10.82 19.42
C ASP A 124 -9.29 10.14 18.06
N PHE A 125 -8.25 10.58 17.38
CA PHE A 125 -7.73 9.83 16.23
C PHE A 125 -6.21 9.99 16.12
N ILE A 126 -5.58 9.06 15.41
CA ILE A 126 -4.14 9.07 15.30
C ILE A 126 -3.71 8.92 13.84
N ASP A 127 -2.40 8.90 13.64
CA ASP A 127 -1.79 8.81 12.32
C ASP A 127 -2.02 7.42 11.72
N ASN A 128 -3.03 7.31 10.86
CA ASN A 128 -3.32 6.09 10.10
C ASN A 128 -2.71 6.14 8.69
N ARG A 129 -1.74 7.02 8.48
CA ARG A 129 -1.22 7.31 7.13
C ARG A 129 0.26 6.96 6.94
N ASN A 130 1.10 7.47 7.84
CA ASN A 130 2.54 7.23 7.74
C ASN A 130 2.93 5.80 8.10
N PHE A 131 3.98 5.29 7.44
CA PHE A 131 4.59 4.03 7.80
C PHE A 131 4.87 3.96 9.32
N ASP A 132 4.53 2.82 9.91
CA ASP A 132 4.71 2.61 11.33
C ASP A 132 5.50 1.33 11.49
N ALA A 133 6.76 1.48 11.92
CA ALA A 133 7.66 0.33 12.06
C ALA A 133 7.11 -0.77 12.99
N GLU A 134 6.53 -0.38 14.13
CA GLU A 134 5.95 -1.38 15.05
C GLU A 134 4.84 -2.18 14.38
N THR A 135 3.95 -1.49 13.67
CA THR A 135 2.84 -2.17 13.01
C THR A 135 3.36 -3.15 11.99
N PHE A 136 4.31 -2.69 11.16
CA PHE A 136 4.88 -3.51 10.12
C PHE A 136 5.58 -4.72 10.74
N GLN A 137 6.22 -4.53 11.89
CA GLN A 137 6.86 -5.67 12.56
C GLN A 137 5.86 -6.75 12.96
N THR A 138 4.63 -6.36 13.29
CA THR A 138 3.57 -7.38 13.60
C THR A 138 3.21 -8.22 12.38
N SER A 139 3.32 -7.62 11.19
CA SER A 139 3.21 -8.38 9.94
C SER A 139 4.44 -9.26 9.72
N LEU A 140 5.64 -8.68 9.87
CA LEU A 140 6.88 -9.42 9.55
C LEU A 140 7.08 -10.63 10.46
N ASP A 141 6.64 -10.50 11.71
CA ASP A 141 6.87 -11.57 12.69
C ASP A 141 6.11 -12.84 12.40
N VAL A 142 5.02 -12.73 11.67
CA VAL A 142 4.25 -13.89 11.23
C VAL A 142 5.11 -14.77 10.33
N VAL A 143 6.04 -14.14 9.61
CA VAL A 143 6.98 -14.87 8.73
C VAL A 143 8.44 -14.77 9.22
N ALA A 144 8.64 -14.65 10.53
CA ALA A 144 9.98 -14.50 11.09
C ALA A 144 10.85 -15.71 10.77
N GLY A 145 12.14 -15.46 10.54
CA GLY A 145 13.09 -16.53 10.22
C GLY A 145 13.03 -17.02 8.79
N LYS A 146 12.16 -16.42 7.98
CA LYS A 146 11.96 -16.82 6.57
C LYS A 146 12.54 -15.78 5.61
N THR A 147 12.90 -16.21 4.41
CA THR A 147 13.34 -15.27 3.37
C THR A 147 12.21 -15.01 2.35
N HIS A 148 11.30 -15.97 2.22
CA HIS A 148 10.17 -15.89 1.28
C HIS A 148 8.89 -16.29 1.95
N PHE A 149 7.75 -15.87 1.40
CA PHE A 149 6.47 -16.38 1.87
C PHE A 149 5.45 -16.56 0.76
N ASP A 150 4.47 -17.44 0.98
CA ASP A 150 3.52 -17.80 -0.05
C ASP A 150 2.10 -17.30 0.28
N TYR A 151 1.14 -17.70 -0.53
CA TYR A 151 -0.25 -17.24 -0.36
C TYR A 151 -0.80 -17.58 1.02
N ALA A 152 -0.55 -18.79 1.50
CA ALA A 152 -1.02 -19.19 2.83
C ALA A 152 -0.45 -18.30 3.95
N ASP A 153 0.84 -17.97 3.84
CA ASP A 153 1.50 -17.10 4.80
C ASP A 153 0.86 -15.71 4.76
N MET A 154 0.65 -15.17 3.56
CA MET A 154 0.00 -13.85 3.48
C MET A 154 -1.38 -13.85 4.17
N ASN A 155 -2.13 -14.94 3.99
CA ASN A 155 -3.44 -15.08 4.63
C ASN A 155 -3.30 -15.01 6.14
N GLU A 156 -2.25 -15.66 6.66
CA GLU A 156 -1.98 -15.64 8.10
C GLU A 156 -1.61 -14.23 8.58
N ILE A 157 -0.84 -13.51 7.76
CA ILE A 157 -0.45 -12.13 8.09
C ILE A 157 -1.70 -11.24 8.21
N ARG A 158 -2.55 -11.23 7.18
CA ARG A 158 -3.73 -10.37 7.22
C ARG A 158 -4.66 -10.76 8.38
N LEU A 159 -4.73 -12.05 8.71
CA LEU A 159 -5.54 -12.48 9.88
C LEU A 159 -4.99 -11.94 11.20
N GLN A 160 -3.67 -11.97 11.33
CA GLN A 160 -3.00 -11.43 12.51
C GLN A 160 -3.32 -9.95 12.63
N ARG A 161 -3.30 -9.26 11.50
CA ARG A 161 -3.51 -7.82 11.51
C ARG A 161 -4.97 -7.51 11.84
N GLU A 162 -5.89 -8.33 11.30
CA GLU A 162 -7.32 -8.17 11.61
C GLU A 162 -7.57 -8.40 13.09
N SER A 163 -6.97 -9.46 13.63
CA SER A 163 -7.14 -9.80 15.04
C SER A 163 -6.65 -8.65 15.93
N LEU A 164 -5.42 -8.20 15.70
CA LEU A 164 -4.82 -7.11 16.47
C LEU A 164 -5.64 -5.83 16.40
N SER A 165 -6.07 -5.47 15.19
CA SER A 165 -6.84 -4.26 15.01
C SER A 165 -8.20 -4.36 15.70
N ASN A 166 -8.85 -5.51 15.61
CA ASN A 166 -10.17 -5.69 16.22
C ASN A 166 -10.07 -5.59 17.75
N GLU A 167 -8.93 -6.01 18.30
CA GLU A 167 -8.74 -5.94 19.76
C GLU A 167 -8.35 -4.55 20.24
N LEU A 168 -7.55 -3.84 19.45
CA LEU A 168 -6.92 -2.59 19.88
C LEU A 168 -7.70 -1.32 19.54
N ASP A 169 -8.52 -1.39 18.50
CA ASP A 169 -9.24 -0.20 18.06
C ASP A 169 -10.34 0.16 19.04
N PHE A 170 -10.63 1.45 19.12
CA PHE A 170 -11.72 1.93 19.98
C PHE A 170 -12.99 1.15 19.66
N PRO A 171 -13.72 0.71 20.72
CA PRO A 171 -14.90 -0.10 20.46
C PRO A 171 -15.85 0.54 19.43
N GLY A 172 -16.22 -0.26 18.43
CA GLY A 172 -17.14 0.15 17.39
C GLY A 172 -16.48 0.69 16.14
N TRP A 173 -15.19 1.03 16.24
CA TRP A 173 -14.45 1.55 15.07
C TRP A 173 -14.09 0.48 14.05
N PHE A 174 -13.50 -0.62 14.52
CA PHE A 174 -12.98 -1.64 13.61
C PHE A 174 -14.01 -2.07 12.58
N THR A 175 -13.59 -2.03 11.31
CA THR A 175 -14.46 -2.39 10.20
C THR A 175 -13.62 -3.21 9.25
N GLU A 176 -14.01 -4.46 9.01
CA GLU A 176 -13.24 -5.32 8.13
C GLU A 176 -13.29 -4.83 6.69
N SER A 177 -12.14 -4.96 6.02
N SER A 177 -12.14 -4.93 6.02
CA SER A 177 -11.99 -4.51 4.64
CA SER A 177 -12.02 -4.53 4.62
C SER A 177 -11.22 -5.55 3.79
C SER A 177 -11.20 -5.56 3.83
N LYS A 178 -11.72 -6.78 3.75
CA LYS A 178 -11.05 -7.84 3.00
C LYS A 178 -10.88 -7.55 1.50
N PRO A 179 -11.93 -7.03 0.83
CA PRO A 179 -11.76 -6.75 -0.61
C PRO A 179 -10.61 -5.79 -1.00
N ILE A 180 -10.54 -4.64 -0.33
CA ILE A 180 -9.49 -3.67 -0.62
C ILE A 180 -8.12 -4.16 -0.12
N GLN A 181 -8.07 -4.68 1.12
CA GLN A 181 -6.79 -5.16 1.62
C GLN A 181 -6.23 -6.23 0.70
N ASN A 182 -7.07 -7.14 0.21
CA ASN A 182 -6.47 -8.26 -0.49
C ASN A 182 -6.18 -8.02 -1.96
N VAL A 183 -6.74 -6.94 -2.50
CA VAL A 183 -6.17 -6.38 -3.74
C VAL A 183 -4.73 -5.96 -3.44
N GLU A 184 -4.55 -5.27 -2.31
CA GLU A 184 -3.21 -4.86 -1.88
C GLU A 184 -2.30 -6.07 -1.58
N SER A 185 -2.86 -7.16 -1.04
CA SER A 185 -2.09 -8.39 -0.93
C SER A 185 -1.58 -8.82 -2.30
N GLY A 186 -2.47 -8.84 -3.29
CA GLY A 186 -2.10 -9.13 -4.68
C GLY A 186 -1.04 -8.15 -5.22
N PHE A 187 -1.16 -6.88 -4.85
CA PHE A 187 -0.15 -5.88 -5.24
C PHE A 187 1.24 -6.25 -4.71
N ILE A 188 1.30 -6.71 -3.46
CA ILE A 188 2.58 -7.13 -2.89
C ILE A 188 3.19 -8.28 -3.69
N PHE A 189 2.38 -9.32 -3.97
CA PHE A 189 2.89 -10.40 -4.83
C PHE A 189 3.30 -9.90 -6.20
N ALA A 190 2.54 -8.95 -6.75
CA ALA A 190 2.84 -8.42 -8.08
C ALA A 190 4.18 -7.68 -8.12
N LEU A 191 4.47 -6.89 -7.09
CA LEU A 191 5.67 -6.06 -7.10
C LEU A 191 6.93 -6.79 -6.63
N VAL A 192 6.81 -7.53 -5.52
CA VAL A 192 7.99 -8.05 -4.86
C VAL A 192 7.99 -9.57 -4.66
N SER A 193 7.20 -10.29 -5.46
CA SER A 193 7.42 -11.74 -5.54
C SER A 193 8.71 -12.01 -6.32
N ASP A 194 9.30 -13.16 -6.04
CA ASP A 194 10.64 -13.45 -6.54
C ASP A 194 10.60 -13.98 -7.97
N PHE A 195 10.75 -13.08 -8.94
CA PHE A 195 10.67 -13.46 -10.37
C PHE A 195 11.89 -14.25 -10.85
N ASN A 196 12.88 -14.43 -9.97
CA ASN A 196 14.06 -15.21 -10.30
C ASN A 196 13.84 -16.70 -10.08
N LEU A 197 12.70 -17.06 -9.50
CA LEU A 197 12.29 -18.46 -9.38
C LEU A 197 11.51 -18.90 -10.62
N PRO A 198 11.71 -20.15 -11.07
CA PRO A 198 11.17 -20.58 -12.38
C PRO A 198 9.63 -20.54 -12.51
N ASP A 199 8.93 -20.68 -11.40
CA ASP A 199 7.47 -20.78 -11.37
C ASP A 199 6.84 -19.55 -10.73
N ASN A 200 7.47 -18.39 -10.90
CA ASN A 200 6.98 -17.18 -10.26
C ASN A 200 5.55 -16.82 -10.66
N ASP A 201 5.29 -16.83 -11.98
CA ASP A 201 3.96 -16.43 -12.48
C ASP A 201 2.85 -17.32 -11.94
N GLU A 202 3.09 -18.62 -11.86
CA GLU A 202 2.12 -19.60 -11.35
C GLU A 202 2.06 -19.66 -9.83
N ASN A 203 3.22 -19.52 -9.19
CA ASN A 203 3.34 -19.77 -7.75
C ASN A 203 4.23 -18.73 -7.01
N PRO A 204 3.80 -17.46 -7.03
CA PRO A 204 4.71 -16.39 -6.60
C PRO A 204 5.02 -16.43 -5.11
N LEU A 205 6.30 -16.22 -4.77
CA LEU A 205 6.76 -16.13 -3.38
C LEU A 205 7.33 -14.74 -3.14
N VAL A 206 6.81 -14.04 -2.12
CA VAL A 206 7.29 -12.70 -1.81
C VAL A 206 8.69 -12.81 -1.21
N ARG A 207 9.63 -12.01 -1.72
CA ARG A 207 10.92 -11.82 -1.03
C ARG A 207 10.73 -10.82 0.11
N ILE A 208 10.92 -11.30 1.33
CA ILE A 208 10.69 -10.49 2.51
C ILE A 208 11.63 -9.28 2.57
N ASP A 209 12.90 -9.45 2.18
CA ASP A 209 13.82 -8.31 2.22
C ASP A 209 13.38 -7.20 1.25
N TRP A 210 12.94 -7.60 0.05
CA TRP A 210 12.36 -6.66 -0.90
C TRP A 210 11.16 -5.89 -0.33
N TRP A 211 10.26 -6.65 0.29
CA TRP A 211 9.05 -6.08 0.86
C TRP A 211 9.43 -5.10 1.94
N LYS A 212 10.34 -5.51 2.81
CA LYS A 212 10.77 -4.67 3.93
C LYS A 212 11.45 -3.39 3.44
N TYR A 213 12.28 -3.50 2.41
CA TYR A 213 12.97 -2.33 1.84
C TYR A 213 11.94 -1.34 1.28
N TRP A 214 11.04 -1.85 0.44
CA TRP A 214 10.01 -1.01 -0.19
C TRP A 214 9.18 -0.27 0.85
N PHE A 215 8.69 -0.99 1.86
CA PHE A 215 7.80 -0.39 2.86
C PHE A 215 8.55 0.55 3.79
N THR A 216 9.71 0.11 4.30
CA THR A 216 10.44 0.91 5.29
C THR A 216 11.02 2.18 4.66
N ASN A 217 11.59 2.04 3.47
CA ASN A 217 12.34 3.10 2.82
C ASN A 217 11.50 3.94 1.86
N GLU A 218 10.36 3.40 1.46
CA GLU A 218 9.54 4.06 0.40
C GLU A 218 10.47 4.48 -0.76
N SER A 219 11.26 3.51 -1.17
CA SER A 219 12.06 3.58 -2.40
C SER A 219 12.22 2.15 -2.89
N PHE A 220 12.97 1.94 -3.98
CA PHE A 220 12.94 0.62 -4.65
C PHE A 220 14.18 -0.22 -4.30
N PRO A 221 13.97 -1.51 -3.98
CA PRO A 221 15.04 -2.42 -3.57
C PRO A 221 16.02 -2.88 -4.65
N TYR A 222 16.43 -1.96 -5.53
CA TYR A 222 17.43 -2.29 -6.55
C TYR A 222 18.70 -2.91 -5.97
N HIS A 223 19.13 -2.42 -4.81
CA HIS A 223 20.39 -2.92 -4.22
C HIS A 223 20.32 -4.40 -3.86
N LEU A 224 19.09 -4.88 -3.71
CA LEU A 224 18.82 -6.29 -3.37
C LEU A 224 18.48 -7.13 -4.60
N GLY A 225 18.71 -6.56 -5.78
CA GLY A 225 18.50 -7.30 -7.02
C GLY A 225 17.10 -7.20 -7.58
N TRP A 226 16.24 -6.42 -6.92
CA TRP A 226 14.92 -6.17 -7.48
C TRP A 226 14.99 -5.37 -8.78
N HIS A 227 14.00 -5.55 -9.63
CA HIS A 227 13.78 -4.64 -10.74
C HIS A 227 12.28 -4.63 -11.06
N PRO A 228 11.80 -3.61 -11.78
CA PRO A 228 10.39 -3.64 -12.20
C PRO A 228 10.04 -4.94 -12.92
N PRO A 229 8.92 -5.58 -12.54
CA PRO A 229 8.48 -6.76 -13.32
C PRO A 229 8.44 -6.46 -14.82
N SER A 230 8.92 -7.42 -15.61
CA SER A 230 8.89 -7.28 -17.06
C SER A 230 8.47 -8.63 -17.65
N PRO A 231 7.36 -8.66 -18.42
CA PRO A 231 6.51 -7.53 -18.77
C PRO A 231 5.77 -7.01 -17.54
N ALA A 232 5.22 -5.80 -17.64
CA ALA A 232 4.46 -5.21 -16.55
C ALA A 232 3.35 -6.14 -16.06
N ARG A 233 3.16 -6.21 -14.75
CA ARG A 233 2.06 -6.98 -14.18
C ARG A 233 0.72 -6.39 -14.58
N GLU A 234 -0.25 -7.30 -14.76
CA GLU A 234 -1.61 -6.93 -15.13
C GLU A 234 -2.60 -7.32 -14.03
N ILE A 235 -3.82 -6.78 -14.15
CA ILE A 235 -4.81 -6.94 -13.10
C ILE A 235 -5.16 -8.42 -12.82
N GLU A 236 -5.14 -9.24 -13.86
CA GLU A 236 -5.45 -10.68 -13.71
C GLU A 236 -4.55 -11.32 -12.67
N PHE A 237 -3.26 -10.97 -12.70
CA PHE A 237 -2.31 -11.53 -11.74
C PHE A 237 -2.72 -11.11 -10.33
N VAL A 238 -3.08 -9.83 -10.18
CA VAL A 238 -3.41 -9.27 -8.88
C VAL A 238 -4.66 -9.89 -8.25
N THR A 239 -5.75 -10.00 -9.02
CA THR A 239 -6.99 -10.49 -8.42
C THR A 239 -6.90 -12.01 -8.22
N SER A 240 -6.14 -12.69 -9.09
CA SER A 240 -5.87 -14.12 -8.87
C SER A 240 -5.11 -14.34 -7.56
N ALA A 241 -4.08 -13.54 -7.34
CA ALA A 241 -3.30 -13.61 -6.09
C ALA A 241 -4.20 -13.33 -4.87
N SER A 242 -5.02 -12.29 -4.99
CA SER A 242 -6.00 -11.92 -3.97
C SER A 242 -6.91 -13.10 -3.61
N SER A 243 -7.47 -13.75 -4.64
N SER A 243 -7.50 -13.73 -4.64
CA SER A 243 -8.34 -14.91 -4.41
CA SER A 243 -8.32 -14.92 -4.45
C SER A 243 -7.58 -16.09 -3.80
C SER A 243 -7.53 -16.00 -3.71
N ALA A 244 -6.32 -16.25 -4.19
CA ALA A 244 -5.49 -17.37 -3.67
C ALA A 244 -5.12 -17.19 -2.19
N VAL A 245 -4.88 -15.94 -1.79
CA VAL A 245 -4.60 -15.63 -0.41
C VAL A 245 -5.81 -16.04 0.45
N LEU A 246 -6.99 -15.63 0.02
CA LEU A 246 -8.20 -15.82 0.83
C LEU A 246 -8.69 -17.26 0.75
N ALA A 247 -8.26 -17.99 -0.29
CA ALA A 247 -8.59 -19.41 -0.46
C ALA A 247 -7.67 -20.33 0.34
N ALA A 248 -6.52 -19.82 0.78
CA ALA A 248 -5.48 -20.62 1.42
C ALA A 248 -5.92 -21.16 2.76
N SER A 249 -5.52 -22.39 3.06
CA SER A 249 -5.93 -23.03 4.31
C SER A 249 -5.27 -22.37 5.50
N VAL A 250 -6.09 -22.02 6.49
CA VAL A 250 -5.62 -21.42 7.74
C VAL A 250 -5.26 -22.54 8.71
N THR A 251 -4.01 -22.55 9.15
CA THR A 251 -3.49 -23.59 10.03
C THR A 251 -3.22 -23.02 11.43
N SER A 252 -3.40 -21.70 11.54
CA SER A 252 -3.29 -21.02 12.82
C SER A 252 -4.31 -19.89 12.87
N THR A 253 -5.28 -20.03 13.76
CA THR A 253 -6.38 -19.09 13.84
C THR A 253 -6.22 -18.16 15.04
N PRO A 254 -6.01 -16.86 14.77
CA PRO A 254 -5.96 -15.88 15.84
C PRO A 254 -7.34 -15.73 16.47
N SER A 255 -7.37 -15.33 17.73
CA SER A 255 -8.64 -15.03 18.40
C SER A 255 -9.10 -13.62 18.04
N SER A 256 -10.36 -13.32 18.33
CA SER A 256 -10.95 -11.99 18.13
C SER A 256 -11.03 -11.56 16.67
N LEU A 257 -11.08 -12.53 15.75
CA LEU A 257 -11.34 -12.23 14.35
C LEU A 257 -12.78 -11.76 14.17
N PRO A 258 -13.01 -10.80 13.25
CA PRO A 258 -14.39 -10.42 12.94
C PRO A 258 -15.11 -11.56 12.23
N SER A 259 -16.44 -11.48 12.26
CA SER A 259 -17.33 -12.44 11.61
C SER A 259 -16.96 -12.64 10.14
N GLY A 260 -16.77 -13.90 9.76
CA GLY A 260 -16.50 -14.25 8.35
C GLY A 260 -15.10 -13.96 7.84
N ALA A 261 -14.17 -13.64 8.74
CA ALA A 261 -12.77 -13.35 8.39
C ALA A 261 -12.17 -14.43 7.50
N ILE A 262 -12.34 -15.69 7.90
CA ILE A 262 -11.78 -16.81 7.14
C ILE A 262 -12.73 -17.15 6.00
N GLY A 263 -12.17 -17.28 4.79
CA GLY A 263 -12.98 -17.57 3.61
C GLY A 263 -12.82 -16.52 2.53
N PRO A 264 -13.44 -16.75 1.36
CA PRO A 264 -13.36 -15.85 0.20
C PRO A 264 -13.84 -14.44 0.52
N GLY A 265 -13.40 -13.48 -0.30
CA GLY A 265 -13.81 -12.09 -0.12
C GLY A 265 -14.55 -11.58 -1.34
N ALA A 266 -15.39 -10.58 -1.13
CA ALA A 266 -16.08 -9.92 -2.23
C ALA A 266 -15.11 -9.24 -3.19
N GLU A 267 -15.52 -9.10 -4.44
CA GLU A 267 -14.79 -8.31 -5.42
C GLU A 267 -14.76 -6.86 -4.96
N ALA A 268 -13.58 -6.25 -5.01
CA ALA A 268 -13.46 -4.82 -4.75
C ALA A 268 -14.19 -4.05 -5.84
N VAL A 269 -14.92 -3.00 -5.41
CA VAL A 269 -15.78 -2.22 -6.31
C VAL A 269 -15.61 -0.73 -6.07
N PRO A 270 -16.10 0.11 -7.00
CA PRO A 270 -16.10 1.55 -6.77
C PRO A 270 -16.72 1.96 -5.43
N LEU A 271 -16.03 2.85 -4.72
CA LEU A 271 -16.56 3.46 -3.50
C LEU A 271 -17.64 4.50 -3.82
N SER A 272 -18.50 4.75 -2.84
CA SER A 272 -19.49 5.82 -2.93
C SER A 272 -19.79 6.38 -1.55
N PHE A 273 -19.98 7.70 -1.48
CA PHE A 273 -20.24 8.37 -0.21
C PHE A 273 -21.45 9.30 -0.34
N ALA A 274 -22.31 9.26 0.67
CA ALA A 274 -23.48 10.15 0.73
C ALA A 274 -23.04 11.61 0.81
N SER A 275 -23.80 12.48 0.13
CA SER A 275 -23.55 13.92 0.20
C SER A 275 -23.81 14.44 1.61
N THR A 276 -24.67 13.75 2.36
CA THR A 276 -24.95 14.12 3.75
C THR A 276 -23.74 13.86 4.66
N MET A 277 -22.89 12.91 4.24
CA MET A 277 -21.75 12.50 5.06
C MET A 277 -20.59 13.48 4.95
N THR A 278 -20.23 14.09 6.09
CA THR A 278 -19.04 14.91 6.16
C THR A 278 -17.81 14.00 6.38
N PRO A 279 -16.68 14.33 5.77
CA PRO A 279 -15.52 13.44 5.95
C PRO A 279 -14.92 13.52 7.35
N PHE A 280 -14.31 12.41 7.79
CA PHE A 280 -13.49 12.46 8.99
C PHE A 280 -12.28 13.36 8.76
N LEU A 281 -11.86 14.08 9.79
CA LEU A 281 -10.64 14.87 9.74
C LEU A 281 -9.42 13.99 9.41
N LEU A 282 -8.55 14.51 8.57
CA LEU A 282 -7.34 13.81 8.19
C LEU A 282 -6.27 14.02 9.26
N ALA A 283 -5.52 12.95 9.60
CA ALA A 283 -4.31 13.13 10.41
C ALA A 283 -3.35 14.10 9.74
N THR A 284 -2.74 14.98 10.53
CA THR A 284 -1.99 16.10 9.98
C THR A 284 -0.48 15.93 10.02
N ASN A 285 -0.02 14.76 10.48
CA ASN A 285 1.39 14.51 10.68
C ASN A 285 2.22 14.73 9.43
N ALA A 286 3.43 15.27 9.63
CA ALA A 286 4.40 15.46 8.56
C ALA A 286 4.69 14.10 7.88
N PRO A 287 5.08 14.13 6.60
CA PRO A 287 5.38 12.86 5.91
C PRO A 287 6.58 12.13 6.51
N TYR A 288 6.38 10.83 6.75
CA TYR A 288 7.44 9.92 7.19
C TYR A 288 8.54 9.83 6.12
N TYR A 289 9.78 9.74 6.57
CA TYR A 289 10.89 9.33 5.70
C TYR A 289 11.90 8.56 6.52
N ALA A 290 12.58 7.61 5.85
CA ALA A 290 13.50 6.70 6.51
C ALA A 290 14.67 7.47 7.11
N GLN A 291 15.01 7.16 8.35
CA GLN A 291 16.06 7.89 9.05
C GLN A 291 17.09 6.98 9.71
N ASP A 292 16.90 5.66 9.58
CA ASP A 292 17.83 4.70 10.19
C ASP A 292 18.29 3.55 9.27
N PRO A 293 19.09 3.85 8.23
CA PRO A 293 19.64 5.17 7.89
C PRO A 293 18.74 6.04 7.02
N THR A 294 19.06 7.33 6.94
CA THR A 294 18.54 8.18 5.86
C THR A 294 19.04 7.63 4.52
N LEU A 295 18.29 7.89 3.45
CA LEU A 295 18.63 7.34 2.15
C LEU A 295 19.38 8.33 1.25
N GLY A 296 20.32 7.81 0.48
CA GLY A 296 20.96 8.62 -0.55
C GLY A 296 20.13 8.66 -1.81
N PRO A 297 20.56 9.46 -2.80
CA PRO A 297 19.86 9.58 -4.09
C PRO A 297 19.68 8.25 -4.85
N ASN A 298 20.60 7.30 -4.65
CA ASN A 298 20.57 6.02 -5.37
C ASN A 298 19.93 4.89 -4.57
N ASP A 299 19.33 5.24 -3.43
CA ASP A 299 18.77 4.24 -2.53
C ASP A 299 17.24 4.13 -2.63
C1 NAG B . -4.55 17.48 1.46
C2 NAG B . -3.98 18.36 2.57
C3 NAG B . -4.96 18.41 3.74
C4 NAG B . -6.37 18.80 3.29
C5 NAG B . -6.80 17.93 2.12
C6 NAG B . -8.17 18.28 1.53
C7 NAG B . -1.51 18.29 2.57
C8 NAG B . -0.30 17.77 3.33
N2 NAG B . -2.68 17.88 3.06
O3 NAG B . -4.45 19.30 4.71
O4 NAG B . -7.26 18.59 4.37
O5 NAG B . -5.81 18.04 1.11
O6 NAG B . -8.16 19.64 1.13
O7 NAG B . -1.38 18.98 1.56
C1 NAG B . -8.04 19.76 4.67
C2 NAG B . -8.99 19.38 5.79
C3 NAG B . -9.78 20.59 6.28
C4 NAG B . -8.91 21.85 6.44
C5 NAG B . -7.92 22.03 5.28
C6 NAG B . -6.91 23.14 5.57
C7 NAG B . -10.04 17.19 6.18
C8 NAG B . -11.16 16.25 5.85
N2 NAG B . -9.91 18.28 5.43
O3 NAG B . -10.40 20.24 7.50
O4 NAG B . -9.75 22.99 6.45
O5 NAG B . -7.20 20.84 5.05
O6 NAG B . -6.29 23.49 4.35
O7 NAG B . -9.27 16.94 7.12
C1 BMA B . -9.89 23.54 7.77
C2 BMA B . -10.23 25.02 7.61
C3 BMA B . -10.67 25.66 8.93
C4 BMA B . -11.74 24.81 9.61
C5 BMA B . -11.24 23.36 9.75
C6 BMA B . -12.30 22.47 10.40
O2 BMA B . -11.28 25.12 6.65
O3 BMA B . -11.14 26.98 8.70
O4 BMA B . -12.06 25.35 10.88
O5 BMA B . -10.91 22.84 8.48
O6 BMA B . -13.27 22.08 9.44
C1 NAG C . 16.76 1.09 3.37
C2 NAG C . 17.03 -0.37 3.82
C3 NAG C . 18.47 -0.50 4.38
C4 NAG C . 19.48 0.09 3.38
C5 NAG C . 19.08 1.52 2.93
C6 NAG C . 19.97 2.13 1.84
C7 NAG C . 15.43 -1.97 4.75
C8 NAG C . 14.63 -2.32 5.95
N2 NAG C . 16.07 -0.80 4.81
O3 NAG C . 18.79 -1.85 4.59
O4 NAG C . 20.80 0.09 3.92
O5 NAG C . 17.74 1.49 2.44
O6 NAG C . 19.94 1.40 0.63
O7 NAG C . 15.49 -2.73 3.77
C1 NAG C . 21.72 -0.47 2.96
C2 NAG C . 23.17 -0.47 3.46
C3 NAG C . 24.13 -1.05 2.41
C4 NAG C . 23.57 -2.23 1.60
C5 NAG C . 22.08 -2.04 1.25
C6 NAG C . 21.50 -3.27 0.55
C7 NAG C . 23.38 1.53 4.90
C8 NAG C . 23.72 2.99 4.90
N2 NAG C . 23.57 0.90 3.74
O3 NAG C . 25.31 -1.46 3.06
O4 NAG C . 24.30 -2.37 0.40
O5 NAG C . 21.39 -1.76 2.46
O6 NAG C . 20.15 -3.01 0.20
O7 NAG C . 22.95 0.99 5.93
C1 MAN D . -1.05 17.70 12.72
C2 MAN D . -1.12 17.09 14.12
C3 MAN D . -2.27 17.72 14.90
C4 MAN D . -2.16 19.25 14.88
C5 MAN D . -2.05 19.78 13.44
C6 MAN D . -1.80 21.28 13.43
O2 MAN D . 0.08 17.34 14.83
O3 MAN D . -2.26 17.27 16.24
O4 MAN D . -3.28 19.82 15.51
O5 MAN D . -0.99 19.12 12.76
O6 MAN D . -1.41 21.71 12.12
C1 MAN D . 1.13 16.38 14.61
C2 MAN D . 2.06 16.42 15.83
C3 MAN D . 2.84 17.75 15.89
C4 MAN D . 3.47 18.10 14.54
C5 MAN D . 2.43 17.97 13.43
C6 MAN D . 2.98 18.30 12.05
O2 MAN D . 2.95 15.32 15.75
O3 MAN D . 3.83 17.72 16.89
O4 MAN D . 3.99 19.42 14.57
O5 MAN D . 1.89 16.66 13.44
O6 MAN D . 2.09 19.18 11.41
MN MN E . -5.26 1.58 6.88
CHA HEM F . -2.29 0.91 0.49
CHB HEM F . -4.06 4.01 -2.77
CHC HEM F . -1.60 1.77 -6.30
CHD HEM F . 0.55 -1.04 -3.00
C1A HEM F . -2.99 1.93 -0.11
C2A HEM F . -3.98 2.74 0.58
C3A HEM F . -4.47 3.61 -0.32
C4A HEM F . -3.83 3.34 -1.59
CMA HEM F . -5.53 4.70 -0.12
CAA HEM F . -4.32 2.63 2.11
CBA HEM F . -5.12 1.37 2.45
CGA HEM F . -4.80 0.94 3.89
O1A HEM F . -5.48 1.33 4.91
O2A HEM F . -3.77 0.19 3.98
C1B HEM F . -3.54 3.69 -4.01
C2B HEM F . -3.82 4.39 -5.26
C3B HEM F . -3.12 3.76 -6.22
C4B HEM F . -2.40 2.66 -5.63
CMB HEM F . -4.74 5.63 -5.35
CAB HEM F . -3.05 4.05 -7.72
CBB HEM F . -3.55 5.14 -8.31
C1C HEM F . -0.83 0.81 -5.70
C2C HEM F . 0.03 -0.14 -6.39
C3C HEM F . 0.65 -0.88 -5.47
C4C HEM F . 0.18 -0.44 -4.18
CMC HEM F . 0.16 -0.22 -7.93
CAC HEM F . 1.65 -2.04 -5.65
CBC HEM F . 1.87 -2.68 -6.81
C1D HEM F . -0.14 -0.84 -1.82
C2D HEM F . 0.01 -1.71 -0.66
C3D HEM F . -0.85 -1.11 0.42
C4D HEM F . -1.44 0.07 -0.17
CMD HEM F . 0.83 -3.00 -0.53
CAD HEM F . -1.10 -1.64 1.83
CBD HEM F . -0.19 -0.93 2.84
CGD HEM F . -0.49 -1.48 4.22
O1D HEM F . 0.28 -1.16 5.15
O2D HEM F . -1.46 -2.25 4.37
NA HEM F . -2.94 2.28 -1.44
NB HEM F . -2.70 2.65 -4.28
NC HEM F . -0.70 0.59 -4.34
ND HEM F . -1.01 0.20 -1.49
FE HEM F . -1.69 1.55 -2.86
C1 NAG G . 16.70 0.21 -22.26
C2 NAG G . 15.48 -0.44 -22.90
C3 NAG G . 15.82 -1.70 -23.70
C4 NAG G . 17.00 -1.45 -24.65
C5 NAG G . 18.14 -0.74 -23.91
C6 NAG G . 19.29 -0.35 -24.84
C7 NAG G . 13.23 -0.26 -21.99
C8 NAG G . 12.26 -0.72 -20.94
N2 NAG G . 14.46 -0.76 -21.91
O3 NAG G . 14.66 -2.11 -24.42
O4 NAG G . 17.49 -2.65 -25.22
O5 NAG G . 17.65 0.44 -23.28
O6 NAG G . 18.88 0.64 -25.77
O7 NAG G . 12.87 0.54 -22.87
C1 MAN H . -9.05 -11.88 -10.52
C2 MAN H . -8.85 -12.62 -11.83
C3 MAN H . -9.50 -11.86 -12.97
C4 MAN H . -10.96 -11.52 -12.61
C5 MAN H . -11.08 -10.87 -11.23
C6 MAN H . -12.52 -10.67 -10.80
O2 MAN H . -9.39 -13.92 -11.71
O3 MAN H . -9.45 -12.63 -14.14
O4 MAN H . -11.47 -10.65 -13.60
O5 MAN H . -10.43 -11.65 -10.25
O6 MAN H . -12.53 -9.96 -9.58
C1 MAN I . -4.21 -16.72 -10.89
C2 MAN I . -4.12 -18.20 -10.50
C3 MAN I . -3.11 -18.39 -9.34
C4 MAN I . -1.76 -17.76 -9.69
C5 MAN I . -2.00 -16.28 -10.03
C6 MAN I . -0.70 -15.56 -10.37
O2 MAN I . -3.72 -18.90 -11.65
O3 MAN I . -2.89 -19.76 -9.04
O4 MAN I . -0.87 -17.93 -8.61
O5 MAN I . -2.91 -16.19 -11.13
O6 MAN I . -0.32 -15.86 -11.69
C1 MAN J . -8.79 -9.53 -4.11
C2 MAN J . -9.78 -9.19 -2.99
C3 MAN J . -10.70 -10.40 -2.78
C4 MAN J . -11.34 -10.85 -4.10
C5 MAN J . -10.28 -11.09 -5.18
C6 MAN J . -10.87 -11.43 -6.52
O2 MAN J . -10.53 -8.09 -3.44
O3 MAN J . -11.72 -10.14 -1.83
O4 MAN J . -12.06 -12.07 -3.91
O5 MAN J . -9.44 -9.94 -5.32
O6 MAN J . -11.60 -10.34 -7.03
C1 MAN K . -10.15 -17.00 -6.84
C2 MAN K . -10.86 -18.21 -6.24
C3 MAN K . -9.87 -19.17 -5.57
C4 MAN K . -8.63 -19.43 -6.40
C5 MAN K . -8.03 -18.10 -6.86
C6 MAN K . -6.78 -18.25 -7.72
O2 MAN K . -11.58 -18.84 -7.28
O3 MAN K . -10.52 -20.38 -5.22
O4 MAN K . -7.68 -20.16 -5.66
O5 MAN K . -9.01 -17.38 -7.58
O6 MAN K . -7.11 -19.04 -8.85
C1 MAN L . 0.07 -23.56 9.21
C2 MAN L . 0.80 -22.54 10.08
C3 MAN L . 0.94 -21.18 9.37
C4 MAN L . 1.41 -21.29 7.92
C5 MAN L . 0.68 -22.41 7.17
C6 MAN L . 1.26 -22.70 5.78
O2 MAN L . 2.08 -23.06 10.38
O3 MAN L . 1.85 -20.38 10.10
O4 MAN L . 1.19 -20.05 7.26
O5 MAN L . 0.69 -23.62 7.93
O6 MAN L . 1.88 -21.56 5.22
C1 MAN M . -0.50 -19.10 14.31
C2 MAN M . -0.34 -18.79 15.79
C3 MAN M . -1.28 -17.69 16.27
C4 MAN M . -1.33 -16.50 15.32
C5 MAN M . -1.42 -16.93 13.86
C6 MAN M . -1.23 -15.77 12.88
O2 MAN M . 1.01 -18.43 16.04
O3 MAN M . -0.83 -17.25 17.53
O4 MAN M . -2.43 -15.68 15.67
O5 MAN M . -0.42 -17.89 13.56
O6 MAN M . 0.13 -15.42 12.82
C1 MAN N . -8.13 -22.01 13.13
C2 MAN N . -7.78 -22.86 11.91
C3 MAN N . -8.76 -22.62 10.78
C4 MAN N . -10.22 -22.70 11.23
C5 MAN N . -10.42 -21.82 12.46
C6 MAN N . -11.85 -21.91 13.02
O2 MAN N . -7.74 -24.24 12.28
O3 MAN N . -8.55 -23.54 9.72
O4 MAN N . -11.05 -22.29 10.17
O5 MAN N . -9.49 -22.17 13.47
O6 MAN N . -11.88 -22.69 14.19
C1 MAN O . -22.85 5.89 -4.49
C2 MAN O . -23.57 7.15 -4.98
C3 MAN O . -23.90 8.04 -3.77
C4 MAN O . -24.77 7.27 -2.79
C5 MAN O . -24.03 5.99 -2.37
C6 MAN O . -24.87 5.12 -1.46
O2 MAN O . -24.74 6.77 -5.68
O3 MAN O . -24.51 9.25 -4.16
O4 MAN O . -25.02 8.07 -1.65
O5 MAN O . -23.64 5.22 -3.52
O6 MAN O . -24.04 4.11 -0.92
C1 MAN P . -18.39 15.60 9.55
C2 MAN P . -18.44 14.38 10.49
C3 MAN P . -19.79 14.32 11.22
C4 MAN P . -20.14 15.67 11.87
C5 MAN P . -20.06 16.78 10.82
C6 MAN P . -20.37 18.15 11.40
O2 MAN P . -17.37 14.43 11.42
O3 MAN P . -19.77 13.26 12.16
O4 MAN P . -21.43 15.63 12.42
O5 MAN P . -18.76 16.79 10.24
O6 MAN P . -20.05 19.15 10.46
C1 MAN Q . 20.88 10.53 4.89
C2 MAN Q . 22.35 10.14 4.71
C3 MAN Q . 23.13 10.52 5.98
C4 MAN Q . 22.97 12.01 6.26
C5 MAN Q . 21.48 12.43 6.26
C6 MAN Q . 21.35 13.95 6.23
O2 MAN Q . 22.86 10.80 3.58
O3 MAN Q . 24.48 10.15 5.87
O4 MAN Q . 23.55 12.29 7.52
O5 MAN Q . 20.77 11.91 5.13
O6 MAN Q . 19.99 14.29 6.39
C FMT R . -5.30 -0.36 -3.63
C FMT R . -4.42 0.41 -3.35
O1 FMT R . -6.14 -0.88 -2.91
O1 FMT R . -3.27 0.23 -2.95
O2 FMT R . -5.54 0.11 -4.74
O2 FMT R . -5.38 -0.29 -3.04
#